data_9B20
#
_entry.id   9B20
#
_cell.length_a   49.910
_cell.length_b   68.790
_cell.length_c   56.663
_cell.angle_alpha   90.00
_cell.angle_beta   115.20
_cell.angle_gamma   90.00
#
_symmetry.space_group_name_H-M   'P 1 21 1'
#
loop_
_entity.id
_entity.type
_entity.pdbx_description
1 polymer 'ADP-ribose pyrophosphatase'
2 non-polymer 'ADENOSINE MONOPHOSPHATE'
3 non-polymer 'MAGNESIUM ION'
4 water water
#
_entity_poly.entity_id   1
_entity_poly.type   'polypeptide(L)'
_entity_poly.pdbx_seq_one_letter_code
;MAHHHHHHMSKPTQQGITFSKNDVEIIARETLYRGFFSLDLYRFRHRLFNGGMSGEITREIFERGHAAVLLPFDPVRDEV
VLVEQIRIAAYDTSESPWLLEMVAGMIEAGETVEDVARREALEEAGLEVGRTKPILSYLASPGGTSERLSILVGEVDAST
AKGIHGLAEENEDIRVHVVSREQAYQWVEEGKIDNAASVIALQWLQLHYHNLRNEWTK
;
_entity_poly.pdbx_strand_id   A,B
#
# COMPACT_ATOMS: atom_id res chain seq x y z
N GLN A 15 -2.51 -5.26 -24.90
CA GLN A 15 -1.63 -5.51 -23.76
C GLN A 15 -2.37 -5.22 -22.45
N GLY A 16 -1.80 -5.67 -21.33
CA GLY A 16 -2.38 -5.36 -20.05
C GLY A 16 -3.46 -6.33 -19.63
N ILE A 17 -4.40 -5.87 -18.79
CA ILE A 17 -5.26 -6.79 -18.08
C ILE A 17 -6.20 -7.49 -19.06
N THR A 18 -6.58 -8.71 -18.69
CA THR A 18 -7.24 -9.61 -19.62
C THR A 18 -8.76 -9.45 -19.60
N PHE A 19 -9.32 -9.03 -18.47
CA PHE A 19 -10.74 -9.17 -18.17
C PHE A 19 -11.29 -7.88 -17.60
N SER A 20 -12.62 -7.77 -17.57
CA SER A 20 -13.35 -6.59 -17.14
C SER A 20 -14.32 -6.95 -16.02
N LYS A 21 -15.02 -5.93 -15.49
CA LYS A 21 -16.05 -6.17 -14.49
C LYS A 21 -17.08 -7.18 -14.96
N ASN A 22 -17.30 -7.27 -16.27
CA ASN A 22 -18.29 -8.19 -16.78
C ASN A 22 -17.86 -9.64 -16.64
N ASP A 23 -16.59 -9.88 -16.32
CA ASP A 23 -16.05 -11.22 -16.22
C ASP A 23 -16.10 -11.77 -14.82
N VAL A 24 -16.82 -11.10 -13.93
CA VAL A 24 -17.07 -11.61 -12.60
CA VAL A 24 -17.07 -11.64 -12.60
C VAL A 24 -18.57 -11.72 -12.41
N GLU A 25 -18.96 -12.52 -11.43
CA GLU A 25 -20.32 -12.61 -10.95
C GLU A 25 -20.24 -12.52 -9.44
N ILE A 26 -20.67 -11.38 -8.88
CA ILE A 26 -20.68 -11.20 -7.42
C ILE A 26 -22.06 -11.68 -6.95
N ILE A 27 -22.06 -12.87 -6.38
CA ILE A 27 -23.28 -13.51 -5.91
C ILE A 27 -23.81 -12.83 -4.66
N ALA A 28 -22.93 -12.50 -3.74
CA ALA A 28 -23.32 -11.93 -2.46
C ALA A 28 -22.16 -11.18 -1.87
N ARG A 29 -22.48 -10.12 -1.16
CA ARG A 29 -21.55 -9.45 -0.25
C ARG A 29 -22.21 -9.53 1.12
N GLU A 30 -21.84 -10.54 1.91
CA GLU A 30 -22.52 -10.88 3.15
C GLU A 30 -21.79 -10.23 4.33
N THR A 31 -22.54 -9.52 5.18
CA THR A 31 -21.88 -8.81 6.27
C THR A 31 -21.44 -9.81 7.34
N LEU A 32 -20.15 -9.79 7.65
CA LEU A 32 -19.62 -10.62 8.73
C LEU A 32 -19.50 -9.84 10.03
N TYR A 33 -19.26 -8.55 9.91
CA TYR A 33 -19.14 -7.65 11.04
C TYR A 33 -19.58 -6.27 10.61
N ARG A 34 -20.42 -5.62 11.42
CA ARG A 34 -20.92 -4.28 11.13
C ARG A 34 -20.68 -3.42 12.35
N GLY A 35 -19.64 -2.59 12.31
CA GLY A 35 -19.31 -1.66 13.36
C GLY A 35 -19.11 -0.29 12.76
N PHE A 36 -18.07 0.41 13.22
CA PHE A 36 -17.67 1.63 12.54
C PHE A 36 -17.28 1.33 11.11
N PHE A 37 -16.47 0.29 10.93
CA PHE A 37 -16.17 -0.30 9.64
C PHE A 37 -16.92 -1.62 9.52
N SER A 38 -16.73 -2.30 8.39
CA SER A 38 -17.41 -3.55 8.10
C SER A 38 -16.44 -4.59 7.62
N LEU A 39 -16.80 -5.85 7.82
CA LEU A 39 -16.12 -6.99 7.21
C LEU A 39 -17.18 -7.71 6.41
N ASP A 40 -16.97 -7.80 5.10
CA ASP A 40 -17.89 -8.46 4.20
C ASP A 40 -17.29 -9.73 3.61
N LEU A 41 -18.12 -10.75 3.49
CA LEU A 41 -17.74 -11.95 2.76
C LEU A 41 -18.24 -11.78 1.32
N TYR A 42 -17.29 -11.56 0.40
CA TYR A 42 -17.62 -11.54 -1.01
C TYR A 42 -17.72 -12.99 -1.48
N ARG A 43 -18.84 -13.34 -2.10
CA ARG A 43 -19.07 -14.64 -2.70
CA ARG A 43 -19.09 -14.64 -2.70
C ARG A 43 -19.17 -14.40 -4.20
N PHE A 44 -18.26 -15.00 -4.97
CA PHE A 44 -18.21 -14.64 -6.38
C PHE A 44 -17.64 -15.76 -7.22
N ARG A 45 -17.84 -15.59 -8.52
CA ARG A 45 -17.21 -16.42 -9.53
C ARG A 45 -16.52 -15.50 -10.51
N HIS A 46 -15.50 -16.02 -11.20
CA HIS A 46 -14.78 -15.16 -12.11
C HIS A 46 -14.22 -15.97 -13.25
N ARG A 47 -14.05 -15.30 -14.39
CA ARG A 47 -13.52 -15.96 -15.57
C ARG A 47 -12.07 -16.36 -15.37
N LEU A 48 -11.71 -17.48 -15.99
CA LEU A 48 -10.39 -18.09 -15.94
C LEU A 48 -9.63 -17.74 -17.22
N PHE A 49 -8.31 -17.60 -17.09
CA PHE A 49 -7.50 -17.24 -18.24
C PHE A 49 -7.63 -18.23 -19.39
N ASN A 50 -7.78 -19.51 -19.07
CA ASN A 50 -7.92 -20.56 -20.07
C ASN A 50 -9.37 -20.82 -20.45
N GLY A 51 -10.29 -19.97 -20.03
CA GLY A 51 -11.67 -20.08 -20.46
C GLY A 51 -12.56 -20.67 -19.37
N GLY A 52 -13.83 -20.29 -19.40
CA GLY A 52 -14.77 -20.75 -18.40
C GLY A 52 -14.71 -19.90 -17.16
N MET A 53 -15.57 -20.26 -16.20
CA MET A 53 -15.71 -19.54 -14.93
CA MET A 53 -15.62 -19.53 -14.95
C MET A 53 -15.29 -20.44 -13.77
N SER A 54 -14.77 -19.82 -12.74
CA SER A 54 -14.53 -20.55 -11.52
C SER A 54 -15.85 -21.00 -10.91
N GLY A 55 -15.75 -21.89 -9.94
CA GLY A 55 -16.83 -22.09 -9.01
C GLY A 55 -16.87 -20.94 -8.01
N GLU A 56 -17.79 -21.06 -7.06
CA GLU A 56 -17.92 -20.07 -6.00
C GLU A 56 -16.65 -19.97 -5.16
N ILE A 57 -16.20 -18.74 -5.00
CA ILE A 57 -15.05 -18.41 -4.19
C ILE A 57 -15.52 -17.40 -3.15
N THR A 58 -14.96 -17.46 -1.94
CA THR A 58 -15.31 -16.49 -0.92
C THR A 58 -14.06 -15.81 -0.40
N ARG A 59 -14.18 -14.51 -0.15
CA ARG A 59 -13.08 -13.72 0.40
C ARG A 59 -13.62 -12.78 1.46
N GLU A 60 -12.92 -12.71 2.59
CA GLU A 60 -13.24 -11.75 3.64
C GLU A 60 -12.60 -10.40 3.34
N ILE A 61 -13.40 -9.35 3.24
CA ILE A 61 -12.91 -8.07 2.74
C ILE A 61 -13.25 -6.99 3.76
N PHE A 62 -12.23 -6.26 4.22
CA PHE A 62 -12.41 -5.19 5.17
C PHE A 62 -12.86 -3.94 4.42
N GLU A 63 -13.98 -3.37 4.83
CA GLU A 63 -14.60 -2.25 4.13
C GLU A 63 -14.56 -1.04 5.05
N ARG A 64 -13.72 -0.07 4.73
CA ARG A 64 -13.62 1.15 5.52
C ARG A 64 -13.72 2.40 4.67
N GLY A 65 -14.33 2.33 3.50
CA GLY A 65 -14.39 3.50 2.64
C GLY A 65 -13.00 3.81 2.12
N HIS A 66 -12.87 5.04 1.60
CA HIS A 66 -11.67 5.43 0.89
C HIS A 66 -11.18 6.74 1.43
N ALA A 67 -9.96 7.09 1.05
CA ALA A 67 -9.29 8.21 1.70
C ALA A 67 -8.61 9.10 0.69
N ALA A 68 -8.37 10.33 1.14
CA ALA A 68 -7.61 11.33 0.43
C ALA A 68 -6.34 11.57 1.22
N VAL A 69 -5.24 11.71 0.51
CA VAL A 69 -3.91 11.88 1.12
C VAL A 69 -3.25 13.10 0.47
N LEU A 70 -2.59 13.91 1.31
CA LEU A 70 -1.95 15.14 0.86
C LEU A 70 -0.50 15.16 1.33
N LEU A 71 0.42 15.21 0.37
CA LEU A 71 1.83 15.45 0.66
C LEU A 71 2.06 16.95 0.66
N PRO A 72 2.32 17.57 1.81
CA PRO A 72 2.52 19.03 1.78
C PRO A 72 3.97 19.33 1.49
N PHE A 73 4.22 19.98 0.36
CA PHE A 73 5.55 20.27 -0.14
C PHE A 73 5.72 21.77 -0.30
N ASP A 74 6.78 22.29 0.28
CA ASP A 74 7.16 23.69 0.11
C ASP A 74 8.20 23.75 -0.99
N PRO A 75 7.86 24.21 -2.20
CA PRO A 75 8.81 24.14 -3.30
C PRO A 75 9.88 25.19 -3.23
N VAL A 76 9.65 26.26 -2.47
CA VAL A 76 10.67 27.28 -2.31
C VAL A 76 11.80 26.75 -1.43
N ARG A 77 11.45 26.09 -0.34
CA ARG A 77 12.39 25.64 0.66
C ARG A 77 12.76 24.17 0.51
N ASP A 78 12.10 23.42 -0.35
CA ASP A 78 12.38 22.00 -0.51
C ASP A 78 12.17 21.27 0.81
N GLU A 79 11.03 21.54 1.44
CA GLU A 79 10.66 20.94 2.70
C GLU A 79 9.32 20.23 2.55
N VAL A 80 9.11 19.24 3.42
CA VAL A 80 7.87 18.48 3.53
CA VAL A 80 7.82 18.56 3.50
C VAL A 80 7.32 18.67 4.93
N VAL A 81 6.01 18.72 5.06
CA VAL A 81 5.36 18.76 6.36
C VAL A 81 4.82 17.38 6.65
N LEU A 82 5.19 16.83 7.80
CA LEU A 82 4.70 15.53 8.22
C LEU A 82 3.84 15.72 9.46
N VAL A 83 2.87 14.84 9.63
CA VAL A 83 2.06 14.83 10.84
C VAL A 83 2.30 13.54 11.59
N GLU A 84 2.41 13.65 12.90
CA GLU A 84 2.71 12.54 13.79
C GLU A 84 1.49 12.27 14.65
N GLN A 85 1.02 11.02 14.62
CA GLN A 85 -0.10 10.63 15.46
C GLN A 85 -0.03 9.14 15.67
N ILE A 86 -0.71 8.67 16.69
CA ILE A 86 -0.64 7.26 17.03
C ILE A 86 -1.54 6.46 16.10
N ARG A 87 -1.01 5.31 15.67
CA ARG A 87 -1.75 4.33 14.87
C ARG A 87 -1.57 3.00 15.62
N ILE A 88 -2.57 2.60 16.41
CA ILE A 88 -2.32 1.49 17.32
C ILE A 88 -2.05 0.20 16.55
N ALA A 89 -2.59 0.06 15.33
CA ALA A 89 -2.38 -1.18 14.59
C ALA A 89 -0.93 -1.39 14.21
N ALA A 90 -0.14 -0.32 14.21
CA ALA A 90 1.29 -0.47 13.97
C ALA A 90 2.02 -1.13 15.13
N TYR A 91 1.40 -1.25 16.31
CA TYR A 91 2.13 -1.55 17.55
C TYR A 91 2.96 -2.83 17.42
N ASP A 92 2.35 -3.89 16.90
CA ASP A 92 2.96 -5.20 17.02
C ASP A 92 4.18 -5.37 16.13
N THR A 93 4.32 -4.57 15.08
CA THR A 93 5.39 -4.80 14.11
C THR A 93 6.28 -3.58 13.91
N SER A 94 6.08 -2.51 14.67
CA SER A 94 6.78 -1.27 14.39
C SER A 94 7.63 -0.83 15.58
N GLU A 95 8.57 0.04 15.28
CA GLU A 95 9.38 0.67 16.33
C GLU A 95 8.49 1.41 17.31
N SER A 96 7.53 2.17 16.79
CA SER A 96 6.62 2.96 17.59
C SER A 96 5.28 3.03 16.90
N PRO A 97 4.17 3.06 17.63
CA PRO A 97 2.88 3.28 16.99
C PRO A 97 2.62 4.74 16.62
N TRP A 98 3.43 5.69 17.11
CA TRP A 98 3.35 7.06 16.62
C TRP A 98 4.07 7.11 15.28
N LEU A 99 3.32 7.28 14.19
CA LEU A 99 3.89 7.27 12.87
C LEU A 99 4.03 8.69 12.36
N LEU A 100 5.02 8.90 11.50
CA LEU A 100 5.12 10.10 10.70
C LEU A 100 4.41 9.88 9.40
N GLU A 101 3.40 10.71 9.11
CA GLU A 101 2.46 10.45 8.04
C GLU A 101 2.20 11.69 7.19
N MET A 102 1.57 11.43 6.06
CA MET A 102 0.93 12.45 5.26
C MET A 102 -0.36 12.92 5.91
N VAL A 103 -0.75 14.15 5.59
CA VAL A 103 -2.11 14.59 5.86
C VAL A 103 -3.05 13.63 5.16
N ALA A 104 -4.11 13.22 5.85
CA ALA A 104 -5.02 12.28 5.21
C ALA A 104 -6.36 12.33 5.91
N GLY A 105 -7.39 11.99 5.16
CA GLY A 105 -8.70 11.87 5.77
C GLY A 105 -9.59 10.96 4.97
N MET A 106 -10.56 10.39 5.66
CA MET A 106 -11.54 9.59 4.97
C MET A 106 -12.42 10.49 4.11
N ILE A 107 -12.90 9.94 3.02
CA ILE A 107 -13.82 10.63 2.13
C ILE A 107 -15.22 10.18 2.51
N GLU A 108 -16.06 11.14 2.85
CA GLU A 108 -17.45 10.89 3.18
C GLU A 108 -18.31 11.19 1.95
N ALA A 109 -19.61 10.94 2.08
CA ALA A 109 -20.51 11.03 0.96
C ALA A 109 -20.41 12.37 0.27
N GLY A 110 -20.25 12.34 -1.05
CA GLY A 110 -20.25 13.54 -1.86
C GLY A 110 -19.00 14.39 -1.79
N GLU A 111 -18.03 14.02 -0.96
CA GLU A 111 -16.77 14.76 -0.91
C GLU A 111 -15.86 14.32 -2.02
N THR A 112 -15.08 15.26 -2.55
CA THR A 112 -14.04 14.95 -3.51
C THR A 112 -12.71 14.78 -2.79
N VAL A 113 -11.79 14.09 -3.49
CA VAL A 113 -10.45 13.88 -2.96
C VAL A 113 -9.81 15.22 -2.63
N GLU A 114 -9.88 16.16 -3.56
CA GLU A 114 -9.20 17.42 -3.36
C GLU A 114 -9.82 18.22 -2.23
N ASP A 115 -11.14 18.20 -2.12
CA ASP A 115 -11.79 18.91 -1.01
C ASP A 115 -11.34 18.34 0.33
N VAL A 116 -11.26 17.02 0.44
CA VAL A 116 -10.85 16.43 1.70
C VAL A 116 -9.39 16.76 1.98
N ALA A 117 -8.54 16.65 0.96
CA ALA A 117 -7.12 16.92 1.14
C ALA A 117 -6.90 18.35 1.62
N ARG A 118 -7.58 19.31 0.98
CA ARG A 118 -7.37 20.71 1.34
C ARG A 118 -7.88 20.98 2.73
N ARG A 119 -9.03 20.41 3.08
CA ARG A 119 -9.60 20.64 4.40
C ARG A 119 -8.72 20.01 5.49
N GLU A 120 -8.25 18.78 5.25
CA GLU A 120 -7.43 18.11 6.24
C GLU A 120 -6.07 18.79 6.41
N ALA A 121 -5.51 19.36 5.35
CA ALA A 121 -4.27 20.12 5.51
C ALA A 121 -4.44 21.20 6.55
N LEU A 122 -5.58 21.89 6.54
CA LEU A 122 -5.83 22.96 7.50
C LEU A 122 -6.07 22.39 8.90
N GLU A 123 -6.85 21.32 9.01
CA GLU A 123 -7.17 20.78 10.33
C GLU A 123 -5.99 20.06 10.97
N GLU A 124 -5.16 19.37 10.18
CA GLU A 124 -4.11 18.54 10.76
C GLU A 124 -2.76 19.23 10.83
N ALA A 125 -2.41 20.00 9.80
CA ALA A 125 -1.12 20.66 9.75
C ALA A 125 -1.23 22.16 9.98
N GLY A 126 -2.44 22.70 10.05
CA GLY A 126 -2.60 24.13 10.14
C GLY A 126 -2.14 24.88 8.92
N LEU A 127 -2.00 24.18 7.79
CA LEU A 127 -1.44 24.72 6.57
C LEU A 127 -2.56 25.00 5.58
N GLU A 128 -2.48 26.14 4.90
CA GLU A 128 -3.29 26.36 3.71
C GLU A 128 -2.55 25.79 2.52
N VAL A 129 -3.25 25.00 1.69
CA VAL A 129 -2.64 24.46 0.47
C VAL A 129 -2.90 25.44 -0.66
N GLY A 130 -1.91 25.60 -1.53
CA GLY A 130 -2.03 26.40 -2.72
C GLY A 130 -2.43 25.52 -3.87
N ARG A 131 -1.55 25.40 -4.87
CA ARG A 131 -1.84 24.50 -5.96
C ARG A 131 -1.70 23.05 -5.51
N THR A 132 -2.35 22.16 -6.26
CA THR A 132 -2.16 20.73 -6.05
C THR A 132 -1.98 20.05 -7.40
N LYS A 133 -1.37 18.88 -7.34
CA LYS A 133 -1.18 18.01 -8.49
C LYS A 133 -1.41 16.59 -8.01
N PRO A 134 -1.91 15.72 -8.86
CA PRO A 134 -2.11 14.33 -8.44
C PRO A 134 -0.79 13.59 -8.38
N ILE A 135 -0.66 12.77 -7.36
CA ILE A 135 0.44 11.80 -7.34
C ILE A 135 -0.08 10.52 -7.98
N LEU A 136 -0.87 9.75 -7.25
CA LEU A 136 -1.54 8.58 -7.78
C LEU A 136 -2.54 8.10 -6.75
N SER A 137 -3.37 7.16 -7.18
CA SER A 137 -4.40 6.58 -6.35
C SER A 137 -4.12 5.09 -6.30
N TYR A 138 -4.12 4.51 -5.11
CA TYR A 138 -3.71 3.13 -5.00
C TYR A 138 -4.64 2.38 -4.06
N LEU A 139 -4.69 1.08 -4.29
CA LEU A 139 -5.33 0.16 -3.36
C LEU A 139 -4.33 -0.28 -2.30
N ALA A 140 -4.70 -0.10 -1.03
CA ALA A 140 -3.77 -0.32 0.07
C ALA A 140 -3.34 -1.77 0.18
N SER A 141 -4.28 -2.69 0.03
CA SER A 141 -3.99 -4.10 0.20
C SER A 141 -5.15 -4.88 -0.39
N PRO A 142 -5.24 -4.97 -1.71
CA PRO A 142 -6.50 -5.40 -2.31
C PRO A 142 -6.83 -6.87 -2.13
N GLY A 143 -5.93 -7.68 -1.55
CA GLY A 143 -6.31 -9.03 -1.22
C GLY A 143 -7.28 -9.10 -0.05
N GLY A 144 -7.33 -8.07 0.79
CA GLY A 144 -8.14 -8.16 1.99
C GLY A 144 -8.92 -6.90 2.35
N THR A 145 -8.73 -5.82 1.62
CA THR A 145 -9.50 -4.61 1.88
C THR A 145 -9.75 -3.90 0.56
N SER A 146 -10.91 -3.28 0.49
CA SER A 146 -11.28 -2.50 -0.69
C SER A 146 -10.65 -1.11 -0.68
N GLU A 147 -9.98 -0.73 0.41
CA GLU A 147 -9.58 0.67 0.58
C GLU A 147 -8.73 1.18 -0.57
N ARG A 148 -9.13 2.34 -1.09
CA ARG A 148 -8.38 3.10 -2.08
C ARG A 148 -7.99 4.42 -1.45
N LEU A 149 -6.78 4.85 -1.70
CA LEU A 149 -6.30 6.14 -1.21
C LEU A 149 -5.79 6.93 -2.40
N SER A 150 -6.24 8.16 -2.53
CA SER A 150 -5.84 9.04 -3.63
C SER A 150 -4.97 10.14 -3.08
N ILE A 151 -3.74 10.22 -3.59
CA ILE A 151 -2.71 11.12 -3.08
C ILE A 151 -2.59 12.30 -4.01
N LEU A 152 -2.51 13.50 -3.41
CA LEU A 152 -2.18 14.73 -4.10
C LEU A 152 -0.93 15.28 -3.44
N VAL A 153 -0.14 16.06 -4.18
CA VAL A 153 0.89 16.90 -3.58
C VAL A 153 0.33 18.31 -3.54
N GLY A 154 0.56 18.98 -2.43
CA GLY A 154 -0.03 20.28 -2.25
C GLY A 154 1.04 21.28 -1.89
N GLU A 155 1.01 22.42 -2.57
CA GLU A 155 1.92 23.53 -2.35
C GLU A 155 1.67 24.16 -0.99
N VAL A 156 2.71 24.28 -0.17
CA VAL A 156 2.56 24.91 1.13
C VAL A 156 3.74 25.83 1.39
N ASP A 157 3.51 26.74 2.32
CA ASP A 157 4.54 27.62 2.88
C ASP A 157 4.82 27.03 4.25
N ALA A 158 5.95 26.31 4.36
CA ALA A 158 6.26 25.64 5.61
C ALA A 158 6.64 26.60 6.73
N SER A 159 6.64 27.91 6.51
CA SER A 159 6.79 28.83 7.64
C SER A 159 5.45 29.09 8.33
N THR A 160 4.35 28.57 7.80
CA THR A 160 3.05 28.84 8.39
C THR A 160 2.78 27.87 9.53
N ALA A 161 2.46 28.42 10.69
CA ALA A 161 2.33 27.67 11.93
C ALA A 161 0.87 27.27 12.18
N LYS A 162 0.68 26.16 12.88
CA LYS A 162 -0.65 25.73 13.28
C LYS A 162 -1.11 26.55 14.48
N GLU A 172 -8.22 13.71 17.12
CA GLU A 172 -6.92 13.06 17.08
C GLU A 172 -5.83 13.99 17.58
N ASP A 173 -4.75 13.42 18.10
CA ASP A 173 -3.69 14.19 18.75
C ASP A 173 -2.49 14.19 17.82
N ILE A 174 -2.22 15.33 17.19
CA ILE A 174 -1.25 15.42 16.12
C ILE A 174 -0.12 16.37 16.51
N ARG A 175 1.10 16.02 16.13
CA ARG A 175 2.24 16.91 16.17
C ARG A 175 2.73 17.11 14.75
N VAL A 176 3.03 18.35 14.40
CA VAL A 176 3.40 18.76 13.06
C VAL A 176 4.92 18.88 13.02
N HIS A 177 5.52 18.26 12.01
CA HIS A 177 6.96 18.30 11.79
C HIS A 177 7.21 18.92 10.44
N VAL A 178 8.27 19.72 10.33
CA VAL A 178 8.71 20.26 9.05
C VAL A 178 10.14 19.79 8.88
N VAL A 179 10.39 18.99 7.83
CA VAL A 179 11.71 18.42 7.59
C VAL A 179 12.08 18.71 6.15
N SER A 180 13.36 18.64 5.85
CA SER A 180 13.76 18.75 4.46
C SER A 180 13.22 17.56 3.68
N ARG A 181 13.00 17.78 2.40
CA ARG A 181 12.68 16.64 1.55
C ARG A 181 13.76 15.57 1.65
N GLU A 182 15.04 15.97 1.65
CA GLU A 182 16.09 14.96 1.68
C GLU A 182 16.01 14.14 2.96
N GLN A 183 15.74 14.78 4.09
CA GLN A 183 15.59 14.04 5.34
C GLN A 183 14.42 13.07 5.28
N ALA A 184 13.28 13.56 4.80
CA ALA A 184 12.09 12.71 4.73
C ALA A 184 12.32 11.50 3.87
N TYR A 185 12.95 11.67 2.70
CA TYR A 185 13.19 10.54 1.83
C TYR A 185 14.21 9.59 2.44
N GLN A 186 15.24 10.15 3.09
CA GLN A 186 16.20 9.30 3.79
C GLN A 186 15.50 8.48 4.86
N TRP A 187 14.48 9.03 5.51
CA TRP A 187 13.76 8.24 6.50
C TRP A 187 12.94 7.11 5.85
N VAL A 188 12.51 7.27 4.61
CA VAL A 188 11.91 6.15 3.88
C VAL A 188 12.95 5.08 3.66
N GLU A 189 14.12 5.47 3.18
CA GLU A 189 15.17 4.49 2.91
C GLU A 189 15.56 3.76 4.18
N GLU A 190 15.59 4.47 5.31
CA GLU A 190 16.00 3.91 6.60
C GLU A 190 14.90 3.12 7.29
N GLY A 191 13.66 3.20 6.80
CA GLY A 191 12.55 2.53 7.43
C GLY A 191 11.90 3.30 8.56
N LYS A 192 12.32 4.53 8.81
CA LYS A 192 11.68 5.34 9.84
C LYS A 192 10.29 5.80 9.40
N ILE A 193 10.11 6.07 8.11
CA ILE A 193 8.79 6.30 7.52
C ILE A 193 8.44 5.06 6.72
N ASP A 194 7.37 4.36 7.10
CA ASP A 194 7.13 3.04 6.52
C ASP A 194 5.64 2.75 6.45
N ASN A 195 4.81 3.78 6.37
CA ASN A 195 3.41 3.60 6.06
C ASN A 195 3.22 3.85 4.57
N ALA A 196 2.36 3.03 3.95
CA ALA A 196 2.28 3.01 2.49
C ALA A 196 2.06 4.40 1.90
N ALA A 197 1.10 5.15 2.43
CA ALA A 197 0.79 6.46 1.81
C ALA A 197 2.03 7.35 1.78
N SER A 198 2.76 7.39 2.91
CA SER A 198 3.92 8.24 2.96
C SER A 198 5.05 7.73 2.09
N VAL A 199 5.27 6.41 2.07
CA VAL A 199 6.31 5.86 1.22
C VAL A 199 6.03 6.19 -0.24
N ILE A 200 4.79 5.94 -0.67
CA ILE A 200 4.44 6.20 -2.06
C ILE A 200 4.60 7.68 -2.39
N ALA A 201 4.11 8.57 -1.52
CA ALA A 201 4.16 9.99 -1.81
C ALA A 201 5.61 10.50 -1.85
N LEU A 202 6.42 10.06 -0.89
CA LEU A 202 7.81 10.51 -0.85
C LEU A 202 8.68 9.89 -1.93
N GLN A 203 8.45 8.62 -2.32
CA GLN A 203 9.15 8.10 -3.49
C GLN A 203 8.77 8.89 -4.73
N TRP A 204 7.48 9.19 -4.87
CA TRP A 204 7.05 10.00 -6.00
C TRP A 204 7.74 11.35 -5.97
N LEU A 205 7.79 11.99 -4.80
CA LEU A 205 8.43 13.29 -4.71
C LEU A 205 9.89 13.18 -5.08
N GLN A 206 10.56 12.10 -4.70
CA GLN A 206 11.97 11.98 -5.02
C GLN A 206 12.18 11.90 -6.53
N LEU A 207 11.19 11.33 -7.25
CA LEU A 207 11.26 11.20 -8.69
C LEU A 207 10.81 12.46 -9.44
N HIS A 208 9.99 13.30 -8.80
CA HIS A 208 9.31 14.38 -9.51
C HIS A 208 9.61 15.77 -8.99
N TYR A 209 10.40 15.90 -7.93
CA TYR A 209 10.45 17.19 -7.24
C TYR A 209 11.15 18.23 -8.07
N HIS A 210 12.12 17.83 -8.90
CA HIS A 210 12.79 18.82 -9.74
C HIS A 210 11.79 19.56 -10.62
N ASN A 211 10.97 18.81 -11.37
CA ASN A 211 9.98 19.43 -12.24
C ASN A 211 8.93 20.18 -11.43
N LEU A 212 8.56 19.63 -10.27
CA LEU A 212 7.55 20.26 -9.45
C LEU A 212 8.03 21.61 -8.92
N ARG A 213 9.26 21.66 -8.42
CA ARG A 213 9.80 22.95 -7.99
C ARG A 213 9.87 23.92 -9.16
N ASN A 214 10.30 23.44 -10.33
CA ASN A 214 10.31 24.28 -11.53
C ASN A 214 8.93 24.89 -11.77
N GLU A 215 7.90 24.04 -11.72
CA GLU A 215 6.53 24.48 -12.03
C GLU A 215 6.01 25.45 -11.00
N TRP A 216 6.29 25.20 -9.74
CA TRP A 216 5.67 26.00 -8.70
C TRP A 216 6.49 27.21 -8.29
N THR A 217 7.69 27.40 -8.83
CA THR A 217 8.47 28.61 -8.56
C THR A 217 8.63 29.47 -9.79
N LYS A 218 8.04 29.08 -10.92
CA LYS A 218 8.13 29.86 -12.16
C LYS A 218 7.47 31.23 -11.98
N THR B 18 9.16 13.03 23.11
CA THR B 18 9.09 11.85 22.26
C THR B 18 8.34 10.76 23.01
N PHE B 19 7.39 10.12 22.35
CA PHE B 19 6.67 9.02 22.95
C PHE B 19 7.15 7.70 22.38
N SER B 20 6.91 6.64 23.15
CA SER B 20 7.27 5.29 22.75
C SER B 20 6.15 4.36 23.18
N LYS B 21 6.35 3.06 22.96
CA LYS B 21 5.33 2.11 23.36
C LYS B 21 5.06 2.16 24.85
N ASN B 22 5.98 2.68 25.64
CA ASN B 22 5.77 2.80 27.07
C ASN B 22 4.68 3.80 27.39
N ASP B 23 4.37 4.68 26.44
CA ASP B 23 3.38 5.72 26.61
C ASP B 23 2.01 5.30 26.10
N VAL B 24 1.83 4.00 25.82
CA VAL B 24 0.60 3.39 25.40
C VAL B 24 0.22 2.34 26.43
N GLU B 25 -1.05 2.30 26.76
CA GLU B 25 -1.61 1.21 27.55
C GLU B 25 -2.60 0.47 26.68
N ILE B 26 -2.27 -0.75 26.26
CA ILE B 26 -3.25 -1.59 25.57
C ILE B 26 -4.04 -2.30 26.65
N ILE B 27 -5.27 -1.85 26.88
CA ILE B 27 -6.11 -2.41 27.93
C ILE B 27 -6.55 -3.80 27.55
N ALA B 28 -6.84 -4.02 26.28
CA ALA B 28 -7.41 -5.27 25.82
C ALA B 28 -7.44 -5.28 24.31
N ARG B 29 -7.44 -6.49 23.77
CA ARG B 29 -7.80 -6.72 22.38
C ARG B 29 -8.90 -7.75 22.38
N GLU B 30 -10.06 -7.37 21.89
CA GLU B 30 -11.22 -8.23 21.90
C GLU B 30 -11.43 -8.67 20.47
N THR B 31 -11.55 -9.98 20.27
CA THR B 31 -11.83 -10.49 18.92
C THR B 31 -13.29 -10.23 18.61
N LEU B 32 -13.53 -9.45 17.55
CA LEU B 32 -14.85 -9.10 17.08
C LEU B 32 -15.37 -10.12 16.06
N TYR B 33 -14.48 -10.63 15.23
CA TYR B 33 -14.84 -11.67 14.28
C TYR B 33 -13.62 -12.57 14.07
N ARG B 34 -13.87 -13.87 14.02
CA ARG B 34 -12.81 -14.84 13.74
C ARG B 34 -13.26 -15.72 12.57
N GLY B 35 -12.53 -15.64 11.47
CA GLY B 35 -12.78 -16.50 10.33
C GLY B 35 -11.44 -16.84 9.70
N PHE B 36 -11.34 -16.74 8.38
CA PHE B 36 -10.03 -16.92 7.77
C PHE B 36 -9.05 -15.88 8.32
N PHE B 37 -9.51 -14.64 8.39
CA PHE B 37 -8.84 -13.53 9.05
C PHE B 37 -9.62 -13.16 10.32
N SER B 38 -9.13 -12.17 11.05
CA SER B 38 -9.74 -11.75 12.30
C SER B 38 -9.91 -10.24 12.32
N LEU B 39 -10.92 -9.79 13.06
CA LEU B 39 -11.09 -8.38 13.37
C LEU B 39 -11.05 -8.25 14.88
N ASP B 40 -10.09 -7.49 15.39
CA ASP B 40 -9.95 -7.28 16.80
C ASP B 40 -10.29 -5.83 17.11
N LEU B 41 -10.85 -5.62 18.29
CA LEU B 41 -11.03 -4.28 18.85
C LEU B 41 -9.87 -4.03 19.80
N TYR B 42 -8.99 -3.09 19.46
CA TYR B 42 -7.97 -2.67 20.39
C TYR B 42 -8.57 -1.62 21.31
N ARG B 43 -8.46 -1.82 22.62
CA ARG B 43 -8.89 -0.84 23.62
C ARG B 43 -7.64 -0.30 24.28
N PHE B 44 -7.45 1.01 24.25
CA PHE B 44 -6.15 1.51 24.68
C PHE B 44 -6.26 2.96 25.13
N ARG B 45 -5.22 3.38 25.85
CA ARG B 45 -5.02 4.76 26.24
C ARG B 45 -3.60 5.16 25.83
N HIS B 46 -3.40 6.45 25.55
CA HIS B 46 -2.06 6.87 25.13
C HIS B 46 -1.79 8.30 25.57
N ARG B 47 -0.52 8.62 25.75
CA ARG B 47 -0.16 9.97 26.15
C ARG B 47 -0.49 10.95 25.05
N LEU B 48 -0.72 12.19 25.46
CA LEU B 48 -1.04 13.28 24.57
C LEU B 48 0.14 14.23 24.52
N PHE B 49 0.32 14.90 23.38
CA PHE B 49 1.49 15.77 23.23
C PHE B 49 1.50 16.92 24.24
N ASN B 50 0.34 17.33 24.74
CA ASN B 50 0.27 18.35 25.78
C ASN B 50 0.67 17.82 27.15
N GLY B 51 0.96 16.53 27.27
CA GLY B 51 1.46 15.96 28.52
C GLY B 51 0.46 15.13 29.30
N GLY B 52 -0.83 15.19 28.97
CA GLY B 52 -1.84 14.36 29.59
C GLY B 52 -1.90 12.94 29.02
N MET B 53 -2.99 12.27 29.38
CA MET B 53 -3.24 10.89 28.97
CA MET B 53 -3.24 10.89 28.97
C MET B 53 -4.65 10.81 28.42
N SER B 54 -4.80 10.16 27.27
CA SER B 54 -6.09 10.06 26.62
C SER B 54 -7.06 9.25 27.47
N GLY B 55 -8.34 9.48 27.23
CA GLY B 55 -9.34 8.54 27.65
C GLY B 55 -9.21 7.25 26.87
N GLU B 56 -10.10 6.32 27.18
CA GLU B 56 -10.11 5.05 26.48
C GLU B 56 -10.52 5.25 25.03
N ILE B 57 -9.69 4.74 24.13
CA ILE B 57 -9.85 4.80 22.68
C ILE B 57 -10.06 3.37 22.20
N THR B 58 -10.92 3.17 21.22
CA THR B 58 -11.05 1.84 20.64
C THR B 58 -10.94 1.91 19.13
N ARG B 59 -10.30 0.90 18.55
CA ARG B 59 -10.09 0.84 17.11
C ARG B 59 -10.35 -0.59 16.66
N GLU B 60 -11.11 -0.73 15.58
CA GLU B 60 -11.32 -2.00 14.89
C GLU B 60 -10.15 -2.27 13.96
N ILE B 61 -9.41 -3.33 14.20
CA ILE B 61 -8.18 -3.61 13.46
C ILE B 61 -8.33 -4.94 12.74
N PHE B 62 -8.17 -4.90 11.43
CA PHE B 62 -8.19 -6.08 10.58
C PHE B 62 -6.85 -6.77 10.71
N GLU B 63 -6.88 -7.98 11.22
CA GLU B 63 -5.71 -8.79 11.51
C GLU B 63 -5.64 -9.91 10.49
N ARG B 64 -4.75 -9.77 9.54
CA ARG B 64 -4.61 -10.78 8.52
C ARG B 64 -3.18 -11.32 8.42
N GLY B 65 -2.36 -11.09 9.44
CA GLY B 65 -0.97 -11.47 9.31
C GLY B 65 -0.23 -10.56 8.35
N HIS B 66 0.93 -11.03 7.91
CA HIS B 66 1.91 -10.20 7.19
C HIS B 66 2.32 -10.93 5.93
N ALA B 67 2.93 -10.19 5.01
CA ALA B 67 3.16 -10.71 3.67
C ALA B 67 4.58 -10.45 3.22
N ALA B 68 5.00 -11.29 2.27
CA ALA B 68 6.26 -11.14 1.56
C ALA B 68 5.95 -10.80 0.12
N VAL B 69 6.71 -9.86 -0.44
CA VAL B 69 6.49 -9.39 -1.79
C VAL B 69 7.82 -9.48 -2.52
N LEU B 70 7.78 -9.97 -3.75
CA LEU B 70 8.99 -10.07 -4.58
C LEU B 70 8.76 -9.32 -5.89
N LEU B 71 9.64 -8.36 -6.14
CA LEU B 71 9.74 -7.67 -7.43
C LEU B 71 10.69 -8.48 -8.30
N PRO B 72 10.20 -9.22 -9.32
CA PRO B 72 11.12 -10.00 -10.15
C PRO B 72 11.72 -9.11 -11.21
N PHE B 73 13.02 -8.88 -11.10
CA PHE B 73 13.73 -7.98 -12.00
C PHE B 73 14.81 -8.75 -12.74
N ASP B 74 14.82 -8.59 -14.05
CA ASP B 74 15.83 -9.20 -14.89
C ASP B 74 16.82 -8.10 -15.19
N PRO B 75 18.00 -8.08 -14.54
CA PRO B 75 18.92 -6.95 -14.75
C PRO B 75 19.66 -6.99 -16.07
N VAL B 76 19.74 -8.15 -16.72
CA VAL B 76 20.36 -8.20 -18.04
C VAL B 76 19.49 -7.48 -19.05
N ARG B 77 18.20 -7.76 -19.02
CA ARG B 77 17.25 -7.25 -19.99
C ARG B 77 16.55 -5.98 -19.54
N ASP B 78 16.71 -5.58 -18.29
CA ASP B 78 15.96 -4.45 -17.74
C ASP B 78 14.46 -4.69 -17.90
N GLU B 79 14.02 -5.86 -17.41
CA GLU B 79 12.64 -6.29 -17.50
C GLU B 79 12.11 -6.66 -16.12
N VAL B 80 10.81 -6.52 -15.97
CA VAL B 80 10.07 -6.94 -14.78
CA VAL B 80 10.13 -7.01 -14.78
C VAL B 80 9.07 -8.02 -15.18
N VAL B 81 8.82 -8.94 -14.27
CA VAL B 81 7.74 -9.91 -14.43
C VAL B 81 6.62 -9.51 -13.49
N LEU B 82 5.48 -9.22 -14.06
CA LEU B 82 4.28 -8.92 -13.31
C LEU B 82 3.37 -10.14 -13.34
N VAL B 83 2.53 -10.26 -12.32
CA VAL B 83 1.52 -11.31 -12.31
C VAL B 83 0.15 -10.64 -12.33
N GLU B 84 -0.77 -11.25 -13.05
CA GLU B 84 -2.12 -10.74 -13.19
C GLU B 84 -3.06 -11.75 -12.52
N GLN B 85 -3.95 -11.25 -11.67
CA GLN B 85 -4.90 -12.10 -10.98
C GLN B 85 -6.02 -11.23 -10.45
N ILE B 86 -7.15 -11.87 -10.21
CA ILE B 86 -8.30 -11.14 -9.69
C ILE B 86 -8.12 -10.84 -8.22
N ARG B 87 -8.48 -9.61 -7.85
CA ARG B 87 -8.60 -9.17 -6.46
C ARG B 87 -10.00 -8.59 -6.34
N ILE B 88 -10.94 -9.36 -5.82
CA ILE B 88 -12.34 -8.92 -5.90
C ILE B 88 -12.56 -7.62 -5.12
N ALA B 89 -11.76 -7.35 -4.10
CA ALA B 89 -11.96 -6.12 -3.33
C ALA B 89 -11.71 -4.87 -4.16
N ALA B 90 -10.99 -5.00 -5.28
CA ALA B 90 -10.78 -3.90 -6.19
C ALA B 90 -12.04 -3.47 -6.93
N TYR B 91 -13.06 -4.34 -6.95
CA TYR B 91 -14.23 -4.13 -7.82
C TYR B 91 -14.86 -2.75 -7.65
N ASP B 92 -15.10 -2.33 -6.42
CA ASP B 92 -15.90 -1.12 -6.23
C ASP B 92 -15.23 0.15 -6.76
N THR B 93 -13.90 0.21 -6.85
CA THR B 93 -13.21 1.45 -7.18
C THR B 93 -12.33 1.35 -8.41
N SER B 94 -12.31 0.21 -9.10
CA SER B 94 -11.39 -0.02 -10.20
C SER B 94 -12.16 -0.28 -11.48
N GLU B 95 -11.49 -0.03 -12.61
CA GLU B 95 -12.06 -0.36 -13.91
C GLU B 95 -12.25 -1.86 -14.04
N SER B 96 -11.34 -2.63 -13.48
CA SER B 96 -11.42 -4.08 -13.48
C SER B 96 -10.86 -4.61 -12.19
N PRO B 97 -11.40 -5.72 -11.67
CA PRO B 97 -10.81 -6.32 -10.47
C PRO B 97 -9.58 -7.17 -10.74
N TRP B 98 -9.20 -7.39 -11.99
CA TRP B 98 -7.93 -8.04 -12.29
C TRP B 98 -6.83 -6.99 -12.19
N LEU B 99 -5.83 -7.29 -11.40
CA LEU B 99 -4.74 -6.36 -11.16
C LEU B 99 -3.42 -6.91 -11.70
N LEU B 100 -2.53 -6.00 -12.11
CA LEU B 100 -1.14 -6.32 -12.38
C LEU B 100 -0.35 -6.10 -11.10
N GLU B 101 0.29 -7.13 -10.60
CA GLU B 101 0.85 -7.11 -9.25
CA GLU B 101 0.87 -7.08 -9.26
C GLU B 101 2.24 -7.70 -9.23
N MET B 102 2.83 -7.65 -8.06
CA MET B 102 4.04 -8.35 -7.71
C MET B 102 3.71 -9.73 -7.20
N VAL B 103 4.66 -10.65 -7.40
CA VAL B 103 4.65 -11.92 -6.68
C VAL B 103 4.55 -11.62 -5.20
N ALA B 104 3.67 -12.34 -4.50
CA ALA B 104 3.47 -12.06 -3.08
C ALA B 104 2.75 -13.21 -2.42
N GLY B 105 3.03 -13.37 -1.15
CA GLY B 105 2.26 -14.33 -0.40
C GLY B 105 2.26 -13.99 1.06
N MET B 106 1.26 -14.54 1.74
CA MET B 106 1.20 -14.42 3.19
C MET B 106 2.31 -15.24 3.83
N ILE B 107 2.79 -14.73 4.95
CA ILE B 107 3.77 -15.41 5.78
C ILE B 107 3.02 -16.12 6.89
N GLU B 108 2.95 -17.44 6.81
CA GLU B 108 2.27 -18.24 7.82
C GLU B 108 3.18 -18.37 9.03
N ALA B 109 2.59 -18.72 10.17
CA ALA B 109 3.39 -18.98 11.35
C ALA B 109 4.52 -19.94 11.02
N GLY B 110 5.73 -19.54 11.37
CA GLY B 110 6.88 -20.36 11.13
C GLY B 110 7.66 -20.02 9.88
N GLU B 111 7.08 -19.26 8.98
CA GLU B 111 7.74 -18.89 7.75
C GLU B 111 8.52 -17.59 7.88
N THR B 112 9.31 -17.30 6.85
CA THR B 112 10.15 -16.13 6.80
C THR B 112 9.92 -15.44 5.47
N VAL B 113 10.21 -14.14 5.46
CA VAL B 113 9.97 -13.32 4.28
C VAL B 113 10.68 -13.88 3.04
N GLU B 114 11.99 -14.14 3.16
CA GLU B 114 12.75 -14.49 1.96
C GLU B 114 12.30 -15.84 1.42
N ASP B 115 12.03 -16.80 2.29
CA ASP B 115 11.62 -18.10 1.80
C ASP B 115 10.28 -18.03 1.10
N VAL B 116 9.33 -17.30 1.70
CA VAL B 116 8.03 -17.14 1.08
C VAL B 116 8.17 -16.44 -0.26
N ALA B 117 8.95 -15.36 -0.30
CA ALA B 117 9.15 -14.63 -1.55
C ALA B 117 9.68 -15.54 -2.65
N ARG B 118 10.71 -16.32 -2.35
CA ARG B 118 11.27 -17.21 -3.35
C ARG B 118 10.30 -18.30 -3.77
N ARG B 119 9.56 -18.87 -2.82
CA ARG B 119 8.60 -19.91 -3.12
C ARG B 119 7.45 -19.38 -3.98
N GLU B 120 6.90 -18.22 -3.62
CA GLU B 120 5.81 -17.68 -4.42
C GLU B 120 6.28 -17.32 -5.82
N ALA B 121 7.55 -16.94 -5.99
CA ALA B 121 8.02 -16.63 -7.34
C ALA B 121 7.92 -17.85 -8.24
N LEU B 122 8.19 -19.04 -7.69
CA LEU B 122 8.05 -20.29 -8.43
C LEU B 122 6.58 -20.66 -8.61
N GLU B 123 5.79 -20.56 -7.53
CA GLU B 123 4.38 -20.96 -7.61
C GLU B 123 3.58 -20.05 -8.53
N GLU B 124 3.84 -18.74 -8.51
CA GLU B 124 2.99 -17.79 -9.21
C GLU B 124 3.51 -17.39 -10.59
N ALA B 125 4.79 -17.60 -10.85
CA ALA B 125 5.36 -17.14 -12.11
C ALA B 125 6.33 -18.12 -12.71
N GLY B 126 6.54 -19.29 -12.08
CA GLY B 126 7.50 -20.26 -12.56
C GLY B 126 8.94 -19.80 -12.56
N LEU B 127 9.29 -18.83 -11.71
CA LEU B 127 10.60 -18.22 -11.73
C LEU B 127 11.51 -18.80 -10.66
N GLU B 128 12.73 -19.15 -11.06
CA GLU B 128 13.79 -19.38 -10.10
C GLU B 128 14.41 -18.03 -9.80
N VAL B 129 14.68 -17.77 -8.53
CA VAL B 129 15.23 -16.49 -8.11
C VAL B 129 16.68 -16.68 -7.75
N GLY B 130 17.52 -15.76 -8.22
CA GLY B 130 18.93 -15.75 -7.87
C GLY B 130 19.16 -14.92 -6.65
N ARG B 131 19.87 -13.82 -6.80
CA ARG B 131 20.10 -12.96 -5.66
C ARG B 131 18.82 -12.22 -5.29
N THR B 132 18.75 -11.86 -4.01
CA THR B 132 17.71 -10.95 -3.53
C THR B 132 18.33 -9.83 -2.73
N LYS B 133 17.63 -8.71 -2.71
CA LYS B 133 17.98 -7.55 -1.90
CA LYS B 133 17.98 -7.57 -1.88
C LYS B 133 16.72 -7.02 -1.27
N PRO B 134 16.74 -6.58 -0.01
CA PRO B 134 15.54 -5.97 0.55
C PRO B 134 15.29 -4.60 -0.08
N ILE B 135 14.02 -4.26 -0.23
CA ILE B 135 13.61 -2.95 -0.75
C ILE B 135 13.15 -2.16 0.46
N LEU B 136 12.02 -2.57 1.03
CA LEU B 136 11.57 -2.00 2.29
C LEU B 136 10.38 -2.79 2.78
N SER B 137 10.00 -2.52 4.02
CA SER B 137 8.85 -3.12 4.67
C SER B 137 7.89 -2.00 5.02
N TYR B 138 6.60 -2.15 4.73
CA TYR B 138 5.66 -1.06 4.96
C TYR B 138 4.37 -1.59 5.60
N LEU B 139 3.69 -0.69 6.28
CA LEU B 139 2.34 -0.92 6.78
C LEU B 139 1.35 -0.50 5.71
N ALA B 140 0.46 -1.43 5.33
CA ALA B 140 -0.45 -1.19 4.21
C ALA B 140 -1.44 -0.09 4.49
N SER B 141 -1.99 -0.05 5.71
CA SER B 141 -3.00 0.92 6.06
C SER B 141 -3.18 0.94 7.57
N PRO B 142 -2.28 1.57 8.31
CA PRO B 142 -2.20 1.27 9.75
C PRO B 142 -3.30 1.91 10.56
N GLY B 143 -4.20 2.66 9.93
CA GLY B 143 -5.37 3.12 10.66
C GLY B 143 -6.39 2.04 10.90
N GLY B 144 -6.32 0.97 10.13
CA GLY B 144 -7.36 -0.06 10.19
C GLY B 144 -6.87 -1.48 10.11
N THR B 145 -5.60 -1.71 9.74
CA THR B 145 -5.05 -3.06 9.66
C THR B 145 -3.62 -3.05 10.17
N SER B 146 -3.23 -4.17 10.79
CA SER B 146 -1.87 -4.35 11.24
C SER B 146 -0.93 -4.80 10.14
N GLU B 147 -1.46 -5.10 8.95
CA GLU B 147 -0.67 -5.78 7.94
C GLU B 147 0.59 -5.02 7.58
N ARG B 148 1.70 -5.73 7.62
CA ARG B 148 2.98 -5.27 7.13
C ARG B 148 3.38 -6.16 5.97
N LEU B 149 3.93 -5.55 4.93
CA LEU B 149 4.44 -6.28 3.80
C LEU B 149 5.90 -5.93 3.59
N SER B 150 6.72 -6.95 3.39
CA SER B 150 8.16 -6.81 3.23
C SER B 150 8.48 -7.12 1.78
N ILE B 151 9.09 -6.16 1.10
CA ILE B 151 9.40 -6.27 -0.33
C ILE B 151 10.88 -6.57 -0.52
N LEU B 152 11.15 -7.59 -1.33
CA LEU B 152 12.47 -7.93 -1.82
C LEU B 152 12.48 -7.69 -3.32
N VAL B 153 13.63 -7.36 -3.87
CA VAL B 153 13.81 -7.45 -5.32
C VAL B 153 14.61 -8.72 -5.56
N GLY B 154 14.18 -9.49 -6.58
CA GLY B 154 14.75 -10.77 -6.89
C GLY B 154 15.25 -10.83 -8.32
N GLU B 155 16.45 -11.36 -8.45
CA GLU B 155 17.12 -11.50 -9.73
C GLU B 155 16.50 -12.67 -10.50
N VAL B 156 15.98 -12.39 -11.68
CA VAL B 156 15.35 -13.42 -12.48
C VAL B 156 15.78 -13.31 -13.93
N ASP B 157 15.58 -14.43 -14.66
CA ASP B 157 15.63 -14.48 -16.12
C ASP B 157 14.18 -14.39 -16.58
N ALA B 158 13.79 -13.21 -17.06
CA ALA B 158 12.39 -12.96 -17.30
C ALA B 158 11.84 -13.82 -18.44
N SER B 159 12.70 -14.29 -19.34
CA SER B 159 12.24 -15.15 -20.43
C SER B 159 11.73 -16.50 -19.93
N THR B 160 11.97 -16.86 -18.69
CA THR B 160 11.51 -18.13 -18.18
C THR B 160 10.10 -18.06 -17.60
N ALA B 161 9.51 -16.87 -17.53
CA ALA B 161 8.16 -16.69 -17.01
C ALA B 161 7.17 -16.87 -18.15
N LYS B 162 6.38 -17.91 -18.07
CA LYS B 162 5.42 -18.24 -19.11
C LYS B 162 4.20 -18.86 -18.46
N GLY B 163 3.02 -18.50 -18.96
CA GLY B 163 1.85 -19.32 -18.77
C GLY B 163 0.95 -18.87 -17.63
N ILE B 164 0.08 -19.79 -17.25
CA ILE B 164 -0.86 -19.62 -16.15
C ILE B 164 -0.34 -20.37 -14.94
N HIS B 165 -0.31 -19.69 -13.80
CA HIS B 165 0.20 -20.28 -12.56
C HIS B 165 -0.84 -20.07 -11.47
N GLY B 166 -0.40 -20.16 -10.22
CA GLY B 166 -1.30 -20.15 -9.08
C GLY B 166 -1.74 -21.56 -8.73
N LEU B 167 -1.96 -21.79 -7.43
CA LEU B 167 -2.37 -23.12 -6.96
C LEU B 167 -3.89 -23.21 -6.92
N ALA B 168 -4.45 -24.17 -7.65
CA ALA B 168 -5.91 -24.30 -7.68
C ALA B 168 -6.48 -24.66 -6.32
N GLU B 169 -5.65 -25.20 -5.42
CA GLU B 169 -6.10 -25.44 -4.05
C GLU B 169 -6.37 -24.15 -3.31
N GLU B 170 -5.74 -23.04 -3.71
CA GLU B 170 -6.02 -21.72 -3.17
C GLU B 170 -6.86 -20.87 -4.14
N ASN B 171 -7.41 -21.49 -5.18
CA ASN B 171 -8.16 -20.77 -6.22
C ASN B 171 -7.36 -19.58 -6.76
N GLU B 172 -6.08 -19.83 -7.04
CA GLU B 172 -5.22 -18.84 -7.70
C GLU B 172 -5.19 -19.13 -9.20
N ASP B 173 -5.61 -18.15 -9.99
CA ASP B 173 -5.51 -18.19 -11.45
C ASP B 173 -4.65 -17.00 -11.85
N ILE B 174 -3.40 -17.24 -12.26
CA ILE B 174 -2.41 -16.18 -12.42
C ILE B 174 -1.83 -16.22 -13.82
N ARG B 175 -1.78 -15.07 -14.47
CA ARG B 175 -1.12 -14.87 -15.76
C ARG B 175 0.11 -14.00 -15.58
N VAL B 176 1.19 -14.36 -16.24
CA VAL B 176 2.43 -13.61 -16.16
CA VAL B 176 2.42 -13.59 -16.14
C VAL B 176 2.51 -12.60 -17.29
N HIS B 177 3.11 -11.45 -17.01
CA HIS B 177 3.36 -10.41 -18.00
C HIS B 177 4.81 -9.99 -17.90
N VAL B 178 5.58 -10.31 -18.92
CA VAL B 178 6.97 -9.88 -19.00
C VAL B 178 7.01 -8.60 -19.82
N VAL B 179 7.45 -7.51 -19.18
CA VAL B 179 7.50 -6.21 -19.84
C VAL B 179 8.82 -5.53 -19.44
N SER B 180 9.20 -4.54 -20.24
CA SER B 180 10.32 -3.70 -19.87
C SER B 180 10.03 -2.99 -18.55
N ARG B 181 11.08 -2.73 -17.79
CA ARG B 181 10.96 -1.82 -16.64
C ARG B 181 10.30 -0.52 -17.03
N GLU B 182 10.71 0.08 -18.15
CA GLU B 182 10.09 1.32 -18.58
C GLU B 182 8.58 1.18 -18.73
N GLN B 183 8.12 0.08 -19.34
CA GLN B 183 6.68 -0.12 -19.52
C GLN B 183 5.98 -0.30 -18.20
N ALA B 184 6.59 -1.04 -17.29
CA ALA B 184 5.97 -1.25 -15.99
C ALA B 184 5.82 0.06 -15.23
N TYR B 185 6.87 0.87 -15.24
CA TYR B 185 6.76 2.14 -14.54
C TYR B 185 5.78 3.08 -15.24
N GLN B 186 5.74 3.06 -16.57
CA GLN B 186 4.77 3.88 -17.24
C GLN B 186 3.36 3.46 -16.86
N TRP B 187 3.15 2.18 -16.61
CA TRP B 187 1.84 1.74 -16.16
C TRP B 187 1.50 2.25 -14.75
N VAL B 188 2.49 2.43 -13.89
CA VAL B 188 2.23 3.11 -12.62
C VAL B 188 1.77 4.53 -12.89
N GLU B 189 2.48 5.23 -13.77
CA GLU B 189 2.14 6.61 -14.10
C GLU B 189 0.74 6.72 -14.69
N GLU B 190 0.34 5.73 -15.48
CA GLU B 190 -0.96 5.72 -16.13
C GLU B 190 -2.07 5.18 -15.25
N GLY B 191 -1.78 4.74 -14.03
CA GLY B 191 -2.80 4.17 -13.18
C GLY B 191 -3.17 2.73 -13.50
N LYS B 192 -2.46 2.08 -14.42
CA LYS B 192 -2.77 0.70 -14.77
C LYS B 192 -2.19 -0.28 -13.78
N ILE B 193 -1.18 0.13 -13.02
CA ILE B 193 -0.69 -0.56 -11.84
C ILE B 193 -0.95 0.38 -10.68
N ASP B 194 -1.77 -0.05 -9.72
CA ASP B 194 -2.20 0.89 -8.68
C ASP B 194 -2.49 0.14 -7.39
N ASN B 195 -1.74 -0.89 -7.12
CA ASN B 195 -1.77 -1.52 -5.79
C ASN B 195 -0.48 -1.15 -5.06
N ALA B 196 -0.59 -0.97 -3.75
CA ALA B 196 0.52 -0.38 -3.01
C ALA B 196 1.82 -1.14 -3.20
N ALA B 197 1.79 -2.47 -3.13
CA ALA B 197 3.05 -3.20 -3.18
C ALA B 197 3.78 -2.94 -4.49
N SER B 198 3.03 -2.95 -5.59
CA SER B 198 3.63 -2.82 -6.89
C SER B 198 4.09 -1.40 -7.14
N VAL B 199 3.32 -0.44 -6.66
CA VAL B 199 3.71 0.96 -6.80
C VAL B 199 5.00 1.23 -6.04
N ILE B 200 5.06 0.78 -4.79
CA ILE B 200 6.25 0.99 -3.98
C ILE B 200 7.46 0.31 -4.60
N ALA B 201 7.28 -0.94 -5.07
CA ALA B 201 8.40 -1.67 -5.65
C ALA B 201 8.90 -1.00 -6.91
N LEU B 202 7.98 -0.59 -7.80
CA LEU B 202 8.38 -0.04 -9.09
C LEU B 202 8.90 1.39 -8.96
N GLN B 203 8.36 2.15 -8.03
CA GLN B 203 8.97 3.46 -7.76
C GLN B 203 10.38 3.29 -7.22
N TRP B 204 10.56 2.34 -6.30
CA TRP B 204 11.90 2.05 -5.79
C TRP B 204 12.82 1.65 -6.94
N LEU B 205 12.32 0.81 -7.82
CA LEU B 205 13.16 0.37 -8.92
C LEU B 205 13.50 1.51 -9.85
N GLN B 206 12.59 2.45 -10.04
CA GLN B 206 12.92 3.60 -10.88
C GLN B 206 14.04 4.43 -10.25
N LEU B 207 14.10 4.46 -8.92
CA LEU B 207 15.13 5.22 -8.21
C LEU B 207 16.45 4.47 -8.10
N HIS B 208 16.44 3.13 -8.22
CA HIS B 208 17.63 2.36 -7.92
C HIS B 208 18.11 1.47 -9.06
N TYR B 209 17.43 1.46 -10.22
CA TYR B 209 17.74 0.40 -11.19
C TYR B 209 19.13 0.52 -11.77
N HIS B 210 19.63 1.74 -11.96
CA HIS B 210 20.98 1.87 -12.52
C HIS B 210 21.99 1.17 -11.62
N ASN B 211 21.99 1.48 -10.32
CA ASN B 211 22.93 0.85 -9.41
C ASN B 211 22.67 -0.65 -9.30
N LEU B 212 21.39 -1.06 -9.27
CA LEU B 212 21.10 -2.48 -9.13
C LEU B 212 21.56 -3.27 -10.35
N ARG B 213 21.35 -2.73 -11.55
CA ARG B 213 21.84 -3.43 -12.73
C ARG B 213 23.36 -3.57 -12.68
N ASN B 214 24.06 -2.52 -12.25
CA ASN B 214 25.50 -2.63 -12.11
CA ASN B 214 25.50 -2.63 -12.12
C ASN B 214 25.87 -3.70 -11.10
N GLU B 215 25.15 -3.74 -9.98
CA GLU B 215 25.46 -4.68 -8.93
C GLU B 215 25.32 -6.12 -9.39
N TRP B 216 24.34 -6.37 -10.24
CA TRP B 216 24.02 -7.74 -10.62
C TRP B 216 24.57 -8.11 -11.99
N THR B 217 25.31 -7.21 -12.63
CA THR B 217 25.97 -7.48 -13.90
C THR B 217 27.18 -8.39 -13.69
#